data_4KWA
#
_entry.id   4KWA
#
_cell.length_a   42.901
_cell.length_b   77.355
_cell.length_c   109.830
_cell.angle_alpha   90.00
_cell.angle_beta   90.00
_cell.angle_gamma   90.00
#
_symmetry.space_group_name_H-M   'P 21 21 21'
#
loop_
_entity.id
_entity.type
_entity.pdbx_description
1 polymer 'Transcriptional regulator'
2 non-polymer BETA-MERCAPTOETHANOL
3 non-polymer 1,2-ETHANEDIOL
4 non-polymer 'CHOLINE ION'
5 water water
#
_entity_poly.entity_id   1
_entity_poly.type   'polypeptide(L)'
_entity_poly.pdbx_seq_one_letter_code
;PQSEARRRILETAWRLIARRGYHNVRIHDIASELGTSNATIHYHFPSKKDILLEALRRNVKLAFDRQVAELHTIADARER
LVRLVELQLPTPGLLRDEWSVWLQVWTESTLNPKIRDLYNDAYDRWYQTIA(MSE)TIRTGQKQGVFRDQDADELATRLS
ALIDGLGIQVLTGKRGCSVDH(MSE)RQHLNDFIEHNIVERRP
;
_entity_poly.pdbx_strand_id   A,B
#
loop_
_chem_comp.id
_chem_comp.type
_chem_comp.name
_chem_comp.formula
BME non-polymer BETA-MERCAPTOETHANOL 'C2 H6 O S'
CHT non-polymer 'CHOLINE ION' 'C5 H14 N O 1'
EDO non-polymer 1,2-ETHANEDIOL 'C2 H6 O2'
#
# COMPACT_ATOMS: atom_id res chain seq x y z
N PRO A 1 -25.54 -23.20 14.95
CA PRO A 1 -24.78 -24.12 15.80
C PRO A 1 -23.32 -24.23 15.37
N GLN A 2 -23.08 -24.65 14.13
CA GLN A 2 -21.72 -24.82 13.60
C GLN A 2 -21.32 -23.60 12.73
N SER A 3 -22.32 -23.04 12.05
CA SER A 3 -22.11 -21.85 11.22
C SER A 3 -21.79 -20.70 12.20
N GLU A 4 -22.39 -20.76 13.38
CA GLU A 4 -22.18 -19.78 14.48
C GLU A 4 -20.74 -19.91 15.05
N ALA A 5 -20.24 -21.14 15.21
CA ALA A 5 -18.85 -21.34 15.68
C ALA A 5 -17.90 -20.71 14.64
N ARG A 6 -18.14 -20.96 13.35
CA ARG A 6 -17.30 -20.38 12.27
C ARG A 6 -17.25 -18.86 12.24
N ARG A 7 -18.41 -18.22 12.27
CA ARG A 7 -18.46 -16.78 12.24
C ARG A 7 -17.66 -16.14 13.39
N ARG A 8 -17.83 -16.71 14.60
CA ARG A 8 -17.14 -16.18 15.78
C ARG A 8 -15.62 -16.32 15.65
N ILE A 9 -15.18 -17.47 15.16
CA ILE A 9 -13.76 -17.65 14.90
C ILE A 9 -13.26 -16.61 13.94
N LEU A 10 -13.98 -16.42 12.84
CA LEU A 10 -13.58 -15.43 11.83
C LEU A 10 -13.61 -14.03 12.28
N GLU A 11 -14.60 -13.68 13.06
CA GLU A 11 -14.67 -12.30 13.60
C GLU A 11 -13.52 -11.99 14.53
N THR A 12 -13.22 -12.94 15.39
CA THR A 12 -12.11 -12.85 16.33
C THR A 12 -10.77 -12.81 15.57
N ALA A 13 -10.57 -13.79 14.65
CA ALA A 13 -9.33 -13.79 13.82
C ALA A 13 -9.09 -12.51 13.06
N TRP A 14 -10.14 -11.90 12.46
CA TRP A 14 -9.99 -10.63 11.74
C TRP A 14 -9.43 -9.50 12.56
N ARG A 15 -9.99 -9.37 13.75
CA ARG A 15 -9.58 -8.36 14.71
C ARG A 15 -8.13 -8.56 15.23
N LEU A 16 -7.79 -9.81 15.52
CA LEU A 16 -6.45 -10.14 15.96
C LEU A 16 -5.41 -9.92 14.84
N ILE A 17 -5.77 -10.31 13.64
CA ILE A 17 -4.90 -10.16 12.48
C ILE A 17 -4.68 -8.63 12.23
N ALA A 18 -5.75 -7.85 12.32
CA ALA A 18 -5.65 -6.40 12.16
C ALA A 18 -4.77 -5.72 13.16
N ARG A 19 -4.96 -6.08 14.43
CA ARG A 19 -4.23 -5.36 15.48
C ARG A 19 -2.87 -5.89 15.86
N ARG A 20 -2.59 -7.14 15.55
CA ARG A 20 -1.33 -7.78 15.91
C ARG A 20 -0.45 -8.23 14.75
N GLY A 21 -1.07 -8.38 13.60
CA GLY A 21 -0.47 -8.90 12.39
C GLY A 21 -0.63 -10.43 12.27
N TYR A 22 -1.06 -10.83 11.06
CA TYR A 22 -1.33 -12.20 10.70
C TYR A 22 -0.29 -13.18 11.16
N HIS A 23 0.99 -12.87 10.98
CA HIS A 23 2.07 -13.86 11.38
C HIS A 23 2.34 -13.94 12.90
N ASN A 24 1.82 -12.98 13.63
CA ASN A 24 1.94 -12.90 15.07
C ASN A 24 0.73 -13.45 15.74
N VAL A 25 -0.31 -13.79 14.99
CA VAL A 25 -1.45 -14.41 15.61
C VAL A 25 -1.36 -15.93 15.60
N ARG A 26 -1.39 -16.56 16.77
CA ARG A 26 -1.35 -17.96 16.87
C ARG A 26 -2.75 -18.50 17.05
N ILE A 27 -2.94 -19.76 16.76
CA ILE A 27 -4.27 -20.37 16.93
C ILE A 27 -4.76 -20.31 18.38
N HIS A 28 -3.88 -20.48 19.35
CA HIS A 28 -4.32 -20.47 20.75
C HIS A 28 -4.75 -19.05 21.15
N ASP A 29 -4.31 -18.02 20.45
CA ASP A 29 -4.74 -16.61 20.76
C ASP A 29 -6.23 -16.54 20.42
N ILE A 30 -6.59 -17.12 19.28
CA ILE A 30 -8.00 -17.16 18.90
C ILE A 30 -8.82 -18.01 19.86
N ALA A 31 -8.31 -19.19 20.20
CA ALA A 31 -9.02 -20.13 21.07
C ALA A 31 -9.21 -19.55 22.48
N SER A 32 -8.19 -18.83 22.98
CA SER A 32 -8.27 -18.18 24.31
C SER A 32 -9.32 -17.08 24.37
N GLU A 33 -9.36 -16.32 23.34
CA GLU A 33 -10.27 -15.21 23.27
C GLU A 33 -11.70 -15.67 23.27
N LEU A 34 -11.96 -16.76 22.59
CA LEU A 34 -13.33 -17.36 22.50
C LEU A 34 -13.71 -18.50 23.42
N GLY A 35 -12.75 -19.14 24.09
CA GLY A 35 -13.02 -20.26 25.03
C GLY A 35 -13.22 -21.55 24.27
N THR A 36 -12.50 -21.73 23.19
CA THR A 36 -12.68 -22.97 22.44
C THR A 36 -11.37 -23.72 22.48
N SER A 37 -11.28 -24.81 21.73
CA SER A 37 -10.07 -25.58 21.69
C SER A 37 -9.36 -25.28 20.39
N ASN A 38 -8.08 -25.56 20.39
CA ASN A 38 -7.38 -25.43 19.16
C ASN A 38 -8.02 -26.40 18.14
N ALA A 39 -8.44 -27.60 18.59
CA ALA A 39 -9.02 -28.60 17.68
C ALA A 39 -10.26 -28.17 16.87
N THR A 40 -11.18 -27.46 17.54
CA THR A 40 -12.38 -26.90 16.90
C THR A 40 -12.01 -25.97 15.78
N ILE A 41 -11.06 -25.08 16.11
CA ILE A 41 -10.57 -24.16 15.11
C ILE A 41 -9.97 -24.90 13.91
N HIS A 42 -9.10 -25.87 14.19
CA HIS A 42 -8.46 -26.66 13.09
C HIS A 42 -9.53 -27.40 12.22
N TYR A 43 -10.59 -27.82 12.89
CA TYR A 43 -11.68 -28.51 12.18
C TYR A 43 -12.30 -27.65 11.15
N HIS A 44 -12.53 -26.39 11.46
CA HIS A 44 -13.13 -25.55 10.45
C HIS A 44 -12.12 -24.95 9.48
N PHE A 45 -10.91 -24.72 9.95
CA PHE A 45 -9.89 -24.05 9.15
C PHE A 45 -8.54 -24.74 9.37
N PRO A 46 -8.28 -25.82 8.59
CA PRO A 46 -7.09 -26.65 8.74
C PRO A 46 -5.78 -25.95 8.67
N SER A 47 -5.71 -24.71 8.15
CA SER A 47 -4.48 -24.05 8.16
C SER A 47 -4.77 -22.59 8.41
N LYS A 48 -3.73 -21.95 8.87
CA LYS A 48 -3.84 -20.57 9.20
C LYS A 48 -4.27 -19.76 7.96
N LYS A 49 -3.65 -20.08 6.81
CA LYS A 49 -3.99 -19.36 5.54
C LYS A 49 -5.42 -19.51 5.24
N ASP A 50 -6.02 -20.62 5.65
CA ASP A 50 -7.47 -20.71 5.44
C ASP A 50 -8.23 -19.78 6.32
N ILE A 51 -7.79 -19.57 7.57
CA ILE A 51 -8.48 -18.58 8.44
C ILE A 51 -8.39 -17.17 7.76
N LEU A 52 -7.24 -16.80 7.21
CA LEU A 52 -7.08 -15.49 6.56
C LEU A 52 -8.01 -15.40 5.33
N LEU A 53 -8.00 -16.46 4.51
CA LEU A 53 -8.79 -16.39 3.29
C LEU A 53 -10.28 -16.24 3.64
N GLU A 54 -10.76 -17.05 4.58
CA GLU A 54 -12.22 -17.02 4.88
C GLU A 54 -12.65 -15.78 5.64
N ALA A 55 -11.69 -15.24 6.40
CA ALA A 55 -11.95 -13.98 7.13
C ALA A 55 -12.02 -12.82 6.13
N LEU A 56 -11.21 -12.90 5.10
CA LEU A 56 -11.21 -11.83 4.08
C LEU A 56 -12.54 -11.93 3.31
N ARG A 57 -12.94 -13.14 2.96
CA ARG A 57 -14.16 -13.28 2.21
C ARG A 57 -15.35 -12.73 2.99
N ARG A 58 -15.38 -13.03 4.28
CA ARG A 58 -16.48 -12.53 5.13
C ARG A 58 -16.44 -11.00 5.23
N ASN A 59 -15.25 -10.45 5.32
CA ASN A 59 -15.19 -9.03 5.45
C ASN A 59 -15.53 -8.31 4.17
N VAL A 60 -15.14 -8.86 3.03
CA VAL A 60 -15.45 -8.20 1.73
C VAL A 60 -16.94 -8.13 1.63
N LYS A 61 -17.63 -9.18 2.03
CA LYS A 61 -19.11 -9.12 2.01
C LYS A 61 -19.70 -8.09 2.97
N LEU A 62 -19.25 -8.07 4.22
CA LEU A 62 -19.73 -7.09 5.17
C LEU A 62 -19.55 -5.71 4.60
N ALA A 63 -18.40 -5.49 4.00
CA ALA A 63 -18.02 -4.13 3.51
C ALA A 63 -18.87 -3.66 2.34
N PHE A 64 -19.23 -4.61 1.49
CA PHE A 64 -20.09 -4.33 0.41
C PHE A 64 -21.56 -4.11 0.87
N ASP A 65 -21.99 -4.88 1.89
CA ASP A 65 -23.30 -4.65 2.44
C ASP A 65 -23.38 -3.19 3.03
N ARG A 66 -22.30 -2.79 3.70
CA ARG A 66 -22.21 -1.47 4.33
C ARG A 66 -22.37 -0.39 3.22
N GLN A 67 -21.68 -0.64 2.11
CA GLN A 67 -21.67 0.30 1.01
C GLN A 67 -23.10 0.43 0.49
N VAL A 68 -23.70 -0.73 0.19
CA VAL A 68 -25.11 -0.68 -0.31
C VAL A 68 -26.05 0.12 0.58
N ALA A 69 -25.89 -0.03 1.92
CA ALA A 69 -26.70 0.62 2.96
C ALA A 69 -26.49 2.12 2.97
N GLU A 70 -25.23 2.52 2.85
CA GLU A 70 -24.87 3.90 2.88
C GLU A 70 -25.39 4.63 1.61
N LEU A 71 -25.34 4.00 0.45
CA LEU A 71 -25.67 4.71 -0.80
C LEU A 71 -27.09 4.57 -1.33
N HIS A 72 -27.91 3.67 -0.78
CA HIS A 72 -29.19 3.40 -1.54
C HIS A 72 -30.17 4.56 -1.62
N THR A 73 -30.09 5.48 -0.66
CA THR A 73 -30.99 6.66 -0.78
C THR A 73 -30.32 7.88 -1.50
N ILE A 74 -29.14 7.67 -2.12
CA ILE A 74 -28.42 8.76 -2.77
C ILE A 74 -28.44 8.74 -4.28
N ALA A 75 -29.15 9.67 -4.90
CA ALA A 75 -29.24 9.69 -6.41
C ALA A 75 -28.25 10.62 -7.08
N ASP A 76 -27.82 11.68 -6.39
CA ASP A 76 -26.89 12.65 -6.98
C ASP A 76 -25.49 12.00 -7.05
N ALA A 77 -24.85 11.95 -8.22
CA ALA A 77 -23.58 11.27 -8.27
C ALA A 77 -22.45 11.98 -7.49
N ARG A 78 -22.48 13.30 -7.33
N ARG A 78 -22.54 13.29 -7.33
CA ARG A 78 -21.41 13.92 -6.53
CA ARG A 78 -21.53 14.04 -6.58
C ARG A 78 -21.53 13.43 -5.10
C ARG A 78 -21.55 13.51 -5.14
N GLU A 79 -22.75 13.47 -4.58
CA GLU A 79 -22.97 12.98 -3.18
C GLU A 79 -22.58 11.49 -3.12
N ARG A 80 -22.96 10.69 -4.12
CA ARG A 80 -22.57 9.29 -4.11
C ARG A 80 -21.05 9.08 -4.02
N LEU A 81 -20.33 9.76 -4.91
CA LEU A 81 -18.84 9.69 -4.97
C LEU A 81 -18.24 10.16 -3.62
N VAL A 82 -18.75 11.25 -3.07
CA VAL A 82 -18.31 11.74 -1.76
C VAL A 82 -18.53 10.70 -0.66
N ARG A 83 -19.67 10.03 -0.65
CA ARG A 83 -19.93 9.00 0.35
C ARG A 83 -19.04 7.77 0.16
N LEU A 84 -18.94 7.34 -1.08
CA LEU A 84 -18.06 6.24 -1.43
C LEU A 84 -16.66 6.44 -0.95
N VAL A 85 -16.12 7.63 -1.11
CA VAL A 85 -14.77 7.96 -0.71
C VAL A 85 -14.70 8.01 0.79
N GLU A 86 -15.75 8.54 1.45
CA GLU A 86 -15.83 8.59 2.90
C GLU A 86 -15.72 7.15 3.55
N LEU A 87 -16.47 6.22 2.96
CA LEU A 87 -16.43 4.79 3.37
C LEU A 87 -15.03 4.14 3.26
N GLN A 88 -14.11 4.75 2.51
CA GLN A 88 -12.78 4.27 2.39
C GLN A 88 -11.84 4.85 3.38
N LEU A 89 -12.26 5.80 4.20
CA LEU A 89 -11.30 6.36 5.16
C LEU A 89 -11.00 5.41 6.27
N PRO A 90 -9.77 5.39 6.79
CA PRO A 90 -9.49 4.46 7.86
C PRO A 90 -9.91 5.05 9.18
N THR A 91 -11.21 5.28 9.37
CA THR A 91 -11.70 5.85 10.64
C THR A 91 -11.55 4.86 11.80
N PRO A 92 -11.49 5.41 13.03
CA PRO A 92 -11.39 4.57 14.20
C PRO A 92 -12.34 3.34 14.15
N GLY A 93 -11.87 2.19 14.61
CA GLY A 93 -12.65 0.94 14.66
C GLY A 93 -12.46 -0.02 13.51
N LEU A 94 -13.56 -0.48 12.98
CA LEU A 94 -13.60 -1.48 11.96
C LEU A 94 -12.90 -0.99 10.67
N LEU A 95 -13.18 0.22 10.24
CA LEU A 95 -12.53 0.69 8.98
C LEU A 95 -10.97 0.75 9.11
N ARG A 96 -10.49 1.24 10.23
CA ARG A 96 -9.02 1.26 10.48
C ARG A 96 -8.46 -0.16 10.48
N ASP A 97 -9.19 -1.09 11.10
CA ASP A 97 -8.77 -2.51 11.10
C ASP A 97 -8.78 -3.09 9.71
N GLU A 98 -9.82 -2.79 8.92
CA GLU A 98 -9.84 -3.28 7.57
C GLU A 98 -8.61 -2.83 6.82
N TRP A 99 -8.24 -1.54 6.97
CA TRP A 99 -7.04 -1.08 6.34
C TRP A 99 -5.86 -1.88 6.78
N SER A 100 -5.75 -2.13 8.08
N SER A 100 -5.71 -2.15 8.06
CA SER A 100 -4.64 -2.90 8.64
CA SER A 100 -4.53 -2.92 8.48
C SER A 100 -4.51 -4.24 7.96
C SER A 100 -4.49 -4.25 7.78
N VAL A 101 -5.63 -4.89 7.68
CA VAL A 101 -5.64 -6.16 7.05
C VAL A 101 -5.31 -6.05 5.55
N TRP A 102 -5.91 -5.05 4.86
CA TRP A 102 -5.60 -4.87 3.43
C TRP A 102 -4.13 -4.63 3.17
N LEU A 103 -3.47 -3.83 4.00
CA LEU A 103 -2.02 -3.66 3.86
C LEU A 103 -1.32 -5.04 3.91
N GLN A 104 -1.79 -5.94 4.78
CA GLN A 104 -1.15 -7.28 4.87
C GLN A 104 -1.46 -8.15 3.62
N VAL A 105 -2.66 -7.93 3.12
CA VAL A 105 -3.09 -8.65 1.96
C VAL A 105 -2.32 -8.29 0.73
N TRP A 106 -1.92 -7.01 0.65
CA TRP A 106 -1.12 -6.65 -0.52
C TRP A 106 0.15 -7.51 -0.59
N THR A 107 0.82 -7.70 0.56
CA THR A 107 1.93 -8.56 0.58
C THR A 107 1.61 -10.01 0.40
N GLU A 108 0.66 -10.52 1.15
CA GLU A 108 0.33 -11.95 1.05
C GLU A 108 -0.15 -12.30 -0.36
N SER A 109 -0.70 -11.34 -1.06
CA SER A 109 -1.15 -11.57 -2.46
C SER A 109 -0.01 -11.97 -3.38
N THR A 110 1.15 -11.32 -3.20
CA THR A 110 2.36 -11.56 -3.99
C THR A 110 2.92 -12.96 -3.76
N LEU A 111 2.27 -13.73 -2.89
CA LEU A 111 2.70 -15.06 -2.51
C LEU A 111 1.71 -16.20 -2.49
N ASN A 112 0.40 -15.90 -2.34
CA ASN A 112 -0.72 -16.85 -2.21
C ASN A 112 -1.78 -16.51 -3.30
N PRO A 113 -2.03 -17.44 -4.26
CA PRO A 113 -2.97 -17.27 -5.43
C PRO A 113 -4.41 -17.18 -5.05
N LYS A 114 -4.86 -17.85 -3.96
CA LYS A 114 -6.25 -17.74 -3.57
C LYS A 114 -6.48 -16.34 -3.00
N ILE A 115 -5.57 -15.83 -2.20
CA ILE A 115 -5.65 -14.51 -1.64
C ILE A 115 -5.57 -13.48 -2.76
N ARG A 116 -4.64 -13.66 -3.70
CA ARG A 116 -4.47 -12.80 -4.84
C ARG A 116 -5.77 -12.69 -5.66
N ASP A 117 -6.42 -13.82 -5.88
CA ASP A 117 -7.67 -13.89 -6.67
C ASP A 117 -8.81 -13.23 -5.91
N LEU A 118 -8.92 -13.46 -4.61
CA LEU A 118 -9.92 -12.82 -3.85
C LEU A 118 -9.70 -11.31 -3.84
N TYR A 119 -8.48 -10.85 -3.59
CA TYR A 119 -8.20 -9.42 -3.56
C TYR A 119 -8.54 -8.75 -4.93
N ASN A 120 -8.22 -9.42 -5.99
CA ASN A 120 -8.50 -8.88 -7.29
C ASN A 120 -9.94 -8.79 -7.56
N ASP A 121 -10.66 -9.83 -7.27
CA ASP A 121 -12.11 -9.69 -7.49
C ASP A 121 -12.69 -8.59 -6.63
N ALA A 122 -12.29 -8.45 -5.36
CA ALA A 122 -12.85 -7.41 -4.52
C ALA A 122 -12.45 -6.01 -5.10
N TYR A 123 -11.19 -5.85 -5.52
CA TYR A 123 -10.69 -4.62 -6.07
C TYR A 123 -11.50 -4.24 -7.30
N ASP A 124 -11.59 -5.17 -8.21
CA ASP A 124 -12.32 -4.99 -9.46
C ASP A 124 -13.76 -4.53 -9.26
N ARG A 125 -14.41 -5.01 -8.21
CA ARG A 125 -15.78 -4.63 -7.96
C ARG A 125 -15.87 -3.17 -7.56
N TRP A 126 -14.89 -2.74 -6.79
CA TRP A 126 -14.83 -1.38 -6.28
C TRP A 126 -14.49 -0.46 -7.45
N TYR A 127 -13.54 -0.89 -8.24
CA TYR A 127 -13.06 -0.19 -9.36
C TYR A 127 -14.25 0.11 -10.31
N GLN A 128 -15.02 -0.91 -10.61
CA GLN A 128 -16.24 -0.74 -11.44
C GLN A 128 -17.30 0.18 -10.81
N THR A 129 -17.52 0.08 -9.50
CA THR A 129 -18.37 0.98 -8.80
C THR A 129 -17.97 2.46 -9.01
N ILE A 130 -16.67 2.74 -8.84
CA ILE A 130 -16.15 4.07 -9.03
C ILE A 130 -16.37 4.49 -10.45
N ALA A 131 -15.97 3.66 -11.40
CA ALA A 131 -16.14 4.06 -12.79
C ALA A 131 -17.61 4.34 -13.18
N MSE A 132 -18.50 3.49 -12.64
CA MSE A 132 -19.89 3.66 -12.90
C MSE A 132 -20.37 4.93 -12.32
O MSE A 132 -21.23 5.59 -12.92
CB MSE A 132 -20.69 2.46 -12.40
CG MSE A 132 -22.17 2.67 -12.63
SE MSE A 132 -23.07 1.21 -11.62
CE MSE A 132 -22.89 1.61 -9.67
N THR A 133 -19.88 5.29 -11.12
CA THR A 133 -20.32 6.56 -10.51
C THR A 133 -19.90 7.80 -11.34
N ILE A 134 -18.67 7.76 -11.82
CA ILE A 134 -18.17 8.78 -12.71
C ILE A 134 -19.04 8.94 -13.92
N ARG A 135 -19.37 7.84 -14.64
CA ARG A 135 -20.20 7.95 -15.83
C ARG A 135 -21.62 8.44 -15.49
N THR A 136 -22.14 8.13 -14.30
CA THR A 136 -23.45 8.73 -14.01
C THR A 136 -23.36 10.27 -13.83
N GLY A 137 -22.38 10.74 -13.06
CA GLY A 137 -22.19 12.20 -12.83
C GLY A 137 -21.91 12.90 -14.16
N GLN A 138 -21.27 12.18 -15.09
CA GLN A 138 -21.02 12.72 -16.40
C GLN A 138 -22.33 12.89 -17.11
N LYS A 139 -23.17 11.86 -17.08
CA LYS A 139 -24.52 11.96 -17.75
C LYS A 139 -25.42 13.05 -17.11
N GLN A 140 -25.36 13.14 -15.78
CA GLN A 140 -26.10 14.15 -15.00
C GLN A 140 -25.55 15.59 -15.25
N GLY A 141 -24.37 15.71 -15.86
CA GLY A 141 -23.70 16.97 -16.16
C GLY A 141 -22.98 17.60 -14.98
N VAL A 142 -22.72 16.82 -13.94
CA VAL A 142 -22.01 17.42 -12.81
C VAL A 142 -20.53 17.10 -12.77
N PHE A 143 -20.14 16.11 -13.59
CA PHE A 143 -18.76 15.70 -13.71
C PHE A 143 -18.27 15.97 -15.15
N ARG A 144 -17.03 16.41 -15.22
CA ARG A 144 -16.30 16.68 -16.49
C ARG A 144 -16.19 15.40 -17.34
N ASP A 145 -16.13 15.57 -18.64
CA ASP A 145 -15.92 14.47 -19.56
C ASP A 145 -14.46 14.07 -19.47
N GLN A 146 -14.20 12.77 -19.34
CA GLN A 146 -12.88 12.32 -19.12
C GLN A 146 -13.04 10.78 -19.13
N ASP A 147 -11.98 10.05 -19.44
CA ASP A 147 -12.07 8.60 -19.43
C ASP A 147 -12.25 8.14 -17.97
N ALA A 148 -13.38 7.49 -17.73
CA ALA A 148 -13.73 7.01 -16.40
C ALA A 148 -12.90 5.90 -15.88
N ASP A 149 -12.35 5.11 -16.78
CA ASP A 149 -11.50 4.04 -16.35
C ASP A 149 -10.12 4.61 -15.82
N GLU A 150 -9.54 5.55 -16.55
CA GLU A 150 -8.25 6.14 -16.13
C GLU A 150 -8.46 6.86 -14.81
N LEU A 151 -9.62 7.53 -14.70
CA LEU A 151 -9.99 8.25 -13.49
C LEU A 151 -10.24 7.28 -12.34
N ALA A 152 -11.05 6.21 -12.51
CA ALA A 152 -11.17 5.21 -11.47
C ALA A 152 -9.78 4.68 -11.04
N THR A 153 -8.89 4.42 -11.98
CA THR A 153 -7.46 3.99 -11.69
C THR A 153 -6.78 4.98 -10.84
N ARG A 154 -6.87 6.24 -11.24
CA ARG A 154 -6.26 7.30 -10.42
C ARG A 154 -6.85 7.46 -9.07
N LEU A 155 -8.20 7.51 -8.97
CA LEU A 155 -8.83 7.70 -7.66
C LEU A 155 -8.49 6.57 -6.72
N SER A 156 -8.57 5.35 -7.17
CA SER A 156 -8.25 4.19 -6.35
C SER A 156 -6.85 4.14 -5.85
N ALA A 157 -5.94 4.47 -6.76
CA ALA A 157 -4.54 4.59 -6.43
C ALA A 157 -4.26 5.67 -5.38
N LEU A 158 -4.89 6.85 -5.56
CA LEU A 158 -4.71 8.00 -4.66
C LEU A 158 -5.19 7.60 -3.26
N ILE A 159 -6.34 6.97 -3.25
CA ILE A 159 -6.89 6.53 -1.99
C ILE A 159 -5.97 5.62 -1.26
N ASP A 160 -5.50 4.56 -1.91
CA ASP A 160 -4.55 3.59 -1.25
C ASP A 160 -3.23 4.26 -0.74
N GLY A 161 -2.66 5.14 -1.53
CA GLY A 161 -1.51 5.88 -1.15
C GLY A 161 -1.67 6.78 0.07
N LEU A 162 -2.76 7.48 0.10
CA LEU A 162 -3.09 8.34 1.22
C LEU A 162 -3.32 7.50 2.40
N GLY A 163 -3.93 6.33 2.26
CA GLY A 163 -4.17 5.52 3.46
C GLY A 163 -2.96 5.02 4.15
N ILE A 164 -1.97 4.70 3.32
CA ILE A 164 -0.69 4.33 3.78
C ILE A 164 -0.07 5.45 4.58
N GLN A 165 -0.08 6.67 4.05
CA GLN A 165 0.47 7.80 4.72
C GLN A 165 -0.25 7.94 6.12
N VAL A 166 -1.57 7.72 6.18
CA VAL A 166 -2.21 7.75 7.49
C VAL A 166 -1.75 6.65 8.43
N LEU A 167 -1.82 5.42 7.98
CA LEU A 167 -1.40 4.28 8.82
C LEU A 167 0.05 4.21 9.30
N THR A 168 0.95 4.73 8.47
CA THR A 168 2.37 4.75 8.75
C THR A 168 2.79 6.00 9.52
N GLY A 169 1.86 6.91 9.77
CA GLY A 169 2.12 8.11 10.59
C GLY A 169 2.93 9.23 9.98
N LYS A 170 2.73 9.47 8.69
CA LYS A 170 3.39 10.59 8.01
C LYS A 170 3.04 11.90 8.75
N ARG A 171 4.06 12.73 8.91
CA ARG A 171 3.87 13.98 9.64
C ARG A 171 2.82 14.86 8.96
N GLY A 172 1.84 15.28 9.76
CA GLY A 172 0.79 16.16 9.28
C GLY A 172 -0.38 15.38 8.71
N CYS A 173 -0.20 14.06 8.55
CA CYS A 173 -1.28 13.27 7.96
C CYS A 173 -2.27 12.90 9.07
N SER A 174 -3.52 12.85 8.71
CA SER A 174 -4.57 12.41 9.64
C SER A 174 -5.70 11.97 8.74
N VAL A 175 -6.71 11.29 9.31
CA VAL A 175 -7.90 10.96 8.48
C VAL A 175 -8.52 12.30 7.94
N ASP A 176 -8.64 13.36 8.79
CA ASP A 176 -9.21 14.65 8.33
C ASP A 176 -8.43 15.19 7.14
N HIS A 177 -7.10 15.06 7.17
CA HIS A 177 -6.27 15.59 6.05
C HIS A 177 -6.52 14.78 4.76
N MSE A 178 -6.60 13.46 4.91
CA MSE A 178 -6.89 12.58 3.76
C MSE A 178 -8.25 12.93 3.15
O MSE A 178 -8.45 12.94 1.91
CB MSE A 178 -6.86 11.13 4.32
CG MSE A 178 -7.38 10.17 3.28
SE MSE A 178 -6.87 8.33 3.82
CE MSE A 178 -7.63 7.39 2.35
N ARG A 179 -9.22 13.11 4.01
CA ARG A 179 -10.57 13.49 3.60
C ARG A 179 -10.54 14.77 2.82
N GLN A 180 -9.87 15.78 3.34
CA GLN A 180 -9.70 17.09 2.66
C GLN A 180 -8.98 16.96 1.28
N HIS A 181 -7.87 16.23 1.27
CA HIS A 181 -7.16 16.00 0.02
C HIS A 181 -8.05 15.36 -1.06
N LEU A 182 -8.78 14.30 -0.68
CA LEU A 182 -9.63 13.58 -1.60
C LEU A 182 -10.85 14.43 -2.08
N ASN A 183 -11.45 15.18 -1.16
CA ASN A 183 -12.53 16.09 -1.52
C ASN A 183 -11.98 17.19 -2.48
N ASP A 184 -10.75 17.69 -2.27
CA ASP A 184 -10.12 18.65 -3.20
C ASP A 184 -9.93 18.04 -4.58
N PHE A 185 -9.51 16.80 -4.64
CA PHE A 185 -9.29 16.13 -5.91
C PHE A 185 -10.67 16.04 -6.60
N ILE A 186 -11.70 15.58 -5.90
CA ILE A 186 -13.03 15.44 -6.53
C ILE A 186 -13.47 16.82 -7.05
N GLU A 187 -13.48 17.80 -6.15
CA GLU A 187 -13.95 19.12 -6.57
C GLU A 187 -13.15 19.73 -7.75
N HIS A 188 -11.85 19.51 -7.88
CA HIS A 188 -11.07 20.14 -8.96
C HIS A 188 -10.68 19.29 -10.15
N ASN A 189 -10.74 17.97 -10.00
CA ASN A 189 -10.38 17.06 -11.09
C ASN A 189 -11.51 16.32 -11.68
N ILE A 190 -12.59 16.18 -10.91
CA ILE A 190 -13.76 15.41 -11.33
C ILE A 190 -14.96 16.29 -11.64
N VAL A 191 -15.31 17.19 -10.73
CA VAL A 191 -16.47 18.04 -10.89
C VAL A 191 -16.31 19.04 -12.04
N GLU A 192 -17.40 19.18 -12.81
CA GLU A 192 -17.54 20.03 -14.00
C GLU A 192 -17.52 21.53 -13.64
N ARG A 193 -16.49 22.23 -14.15
CA ARG A 193 -16.27 23.69 -13.98
C ARG A 193 -17.25 24.57 -14.75
N GLN B 2 35.00 -9.66 8.27
CA GLN B 2 33.79 -9.61 9.12
C GLN B 2 32.81 -8.56 8.63
N SER B 3 33.32 -7.53 7.97
CA SER B 3 32.47 -6.50 7.35
C SER B 3 31.83 -7.21 6.15
N GLU B 4 32.60 -8.12 5.56
CA GLU B 4 32.22 -8.96 4.43
C GLU B 4 31.16 -10.02 4.82
N ALA B 5 31.23 -10.59 6.04
CA ALA B 5 30.24 -11.58 6.47
C ALA B 5 28.88 -10.92 6.68
N ARG B 6 28.82 -9.78 7.41
CA ARG B 6 27.54 -9.02 7.60
C ARG B 6 26.94 -8.60 6.24
N ARG B 7 27.82 -8.20 5.32
CA ARG B 7 27.37 -7.75 4.01
C ARG B 7 26.58 -8.85 3.33
N ARG B 8 27.19 -10.04 3.26
CA ARG B 8 26.55 -11.21 2.65
C ARG B 8 25.26 -11.59 3.36
N ILE B 9 25.23 -11.45 4.68
CA ILE B 9 24.06 -11.79 5.40
C ILE B 9 22.90 -10.89 5.01
N LEU B 10 23.15 -9.58 4.98
CA LEU B 10 22.13 -8.63 4.67
C LEU B 10 21.69 -8.74 3.25
N GLU B 11 22.60 -8.97 2.29
CA GLU B 11 22.18 -9.03 0.93
C GLU B 11 21.28 -10.25 0.73
N THR B 12 21.64 -11.36 1.34
CA THR B 12 20.88 -12.58 1.31
C THR B 12 19.51 -12.43 2.01
N ALA B 13 19.53 -11.86 3.21
CA ALA B 13 18.29 -11.65 3.96
C ALA B 13 17.30 -10.75 3.18
N TRP B 14 17.85 -9.68 2.59
CA TRP B 14 17.05 -8.75 1.74
C TRP B 14 16.35 -9.48 0.64
N ARG B 15 17.09 -10.29 -0.14
CA ARG B 15 16.52 -11.08 -1.22
C ARG B 15 15.45 -12.11 -0.75
N LEU B 16 15.72 -12.80 0.34
CA LEU B 16 14.78 -13.78 0.89
C LEU B 16 13.51 -13.09 1.42
N ILE B 17 13.69 -12.01 2.19
CA ILE B 17 12.53 -11.21 2.66
C ILE B 17 11.69 -10.74 1.42
N ALA B 18 12.35 -10.21 0.39
CA ALA B 18 11.63 -9.73 -0.82
C ALA B 18 10.82 -10.78 -1.49
N ARG B 19 11.45 -11.94 -1.66
CA ARG B 19 10.79 -13.08 -2.37
C ARG B 19 9.91 -14.05 -1.65
N ARG B 20 10.21 -14.27 -0.37
N ARG B 20 10.18 -14.31 -0.37
CA ARG B 20 9.46 -15.20 0.44
CA ARG B 20 9.28 -15.21 0.38
C ARG B 20 8.53 -14.56 1.50
C ARG B 20 8.56 -14.58 1.56
N GLY B 21 8.87 -13.32 1.89
CA GLY B 21 8.24 -12.59 2.96
C GLY B 21 8.97 -12.76 4.27
N TYR B 22 9.18 -11.62 4.99
CA TYR B 22 9.88 -11.55 6.27
C TYR B 22 9.47 -12.64 7.32
N HIS B 23 8.17 -12.82 7.50
CA HIS B 23 7.69 -13.83 8.45
C HIS B 23 7.92 -15.28 8.06
N ASN B 24 8.19 -15.54 6.80
CA ASN B 24 8.43 -16.89 6.28
C ASN B 24 9.90 -17.23 6.18
N VAL B 25 10.77 -16.27 6.49
CA VAL B 25 12.18 -16.50 6.44
C VAL B 25 12.60 -16.81 7.86
N ARG B 26 13.05 -18.02 8.08
CA ARG B 26 13.54 -18.42 9.35
C ARG B 26 15.02 -18.15 9.23
N ILE B 27 15.67 -18.07 10.37
CA ILE B 27 17.13 -17.85 10.40
C ILE B 27 17.94 -18.96 9.68
N HIS B 28 17.49 -20.21 9.81
CA HIS B 28 18.19 -21.30 9.14
C HIS B 28 18.12 -21.19 7.62
N ASP B 29 17.11 -20.49 7.13
CA ASP B 29 16.95 -20.24 5.70
C ASP B 29 18.10 -19.33 5.23
N ILE B 30 18.45 -18.33 6.04
CA ILE B 30 19.56 -17.43 5.67
C ILE B 30 20.90 -18.24 5.68
N ALA B 31 21.10 -18.95 6.75
CA ALA B 31 22.30 -19.81 6.94
C ALA B 31 22.51 -20.75 5.76
N SER B 32 21.44 -21.44 5.35
CA SER B 32 21.57 -22.34 4.20
C SER B 32 21.86 -21.65 2.91
N GLU B 33 21.36 -20.43 2.67
CA GLU B 33 21.70 -19.73 1.45
C GLU B 33 23.19 -19.37 1.46
N LEU B 34 23.79 -19.31 2.60
CA LEU B 34 25.21 -18.91 2.72
C LEU B 34 26.17 -19.96 3.23
N GLY B 35 25.67 -20.96 3.95
CA GLY B 35 26.50 -22.05 4.50
C GLY B 35 27.01 -21.69 5.86
N THR B 36 26.15 -21.75 6.85
CA THR B 36 26.58 -21.20 8.11
C THR B 36 25.57 -21.69 9.09
N SER B 37 25.56 -21.15 10.30
CA SER B 37 24.66 -21.68 11.28
C SER B 37 23.78 -20.58 11.89
N ASN B 38 22.63 -20.98 12.45
CA ASN B 38 21.78 -19.99 13.11
C ASN B 38 22.57 -19.13 14.13
N ALA B 39 23.50 -19.78 14.82
CA ALA B 39 24.39 -19.12 15.81
C ALA B 39 25.25 -17.98 15.20
N THR B 40 25.96 -18.26 14.10
CA THR B 40 26.75 -17.24 13.40
C THR B 40 25.79 -16.09 13.00
N ILE B 41 24.61 -16.43 12.50
CA ILE B 41 23.71 -15.37 12.07
C ILE B 41 23.37 -14.49 13.26
N HIS B 42 23.02 -15.11 14.42
CA HIS B 42 22.71 -14.32 15.63
C HIS B 42 23.92 -13.60 16.16
N TYR B 43 25.10 -14.19 15.94
CA TYR B 43 26.33 -13.51 16.33
C TYR B 43 26.33 -12.09 15.76
N HIS B 44 25.93 -11.93 14.49
CA HIS B 44 25.91 -10.58 13.89
C HIS B 44 24.59 -9.83 14.10
N PHE B 45 23.50 -10.57 14.21
CA PHE B 45 22.19 -9.97 14.40
C PHE B 45 21.45 -10.72 15.53
N PRO B 46 21.49 -10.16 16.73
CA PRO B 46 20.85 -10.81 17.88
C PRO B 46 19.39 -11.19 17.69
N SER B 47 18.63 -10.47 16.85
CA SER B 47 17.26 -10.88 16.57
C SER B 47 16.90 -10.82 15.10
N LYS B 48 15.79 -11.45 14.82
CA LYS B 48 15.34 -11.51 13.47
C LYS B 48 15.03 -10.09 13.05
N LYS B 49 14.38 -9.38 13.95
CA LYS B 49 14.04 -7.99 13.70
C LYS B 49 15.25 -7.09 13.44
N ASP B 50 16.43 -7.42 13.94
CA ASP B 50 17.63 -6.64 13.70
C ASP B 50 18.06 -6.86 12.25
N ILE B 51 17.88 -8.08 11.76
CA ILE B 51 18.21 -8.32 10.34
C ILE B 51 17.39 -7.38 9.41
N LEU B 52 16.08 -7.33 9.58
CA LEU B 52 15.18 -6.50 8.76
C LEU B 52 15.56 -5.04 8.89
N LEU B 53 15.88 -4.63 10.12
CA LEU B 53 16.19 -3.23 10.33
C LEU B 53 17.51 -2.86 9.66
N GLU B 54 18.60 -3.60 9.85
CA GLU B 54 19.90 -3.24 9.23
C GLU B 54 19.89 -3.35 7.70
N ALA B 55 19.16 -4.33 7.24
CA ALA B 55 18.98 -4.49 5.77
C ALA B 55 18.30 -3.29 5.19
N LEU B 56 17.20 -2.91 5.83
CA LEU B 56 16.45 -1.71 5.38
C LEU B 56 17.34 -0.49 5.37
N ARG B 57 18.06 -0.23 6.47
CA ARG B 57 18.99 0.87 6.47
C ARG B 57 19.94 0.87 5.26
N ARG B 58 20.59 -0.28 5.04
CA ARG B 58 21.49 -0.47 3.90
C ARG B 58 20.74 -0.08 2.58
N ASN B 59 19.60 -0.70 2.35
CA ASN B 59 18.80 -0.38 1.12
C ASN B 59 18.45 1.05 0.86
N VAL B 60 17.92 1.73 1.90
CA VAL B 60 17.59 3.16 1.84
C VAL B 60 18.78 3.95 1.35
N LYS B 61 19.95 3.54 1.79
CA LYS B 61 21.13 4.25 1.38
C LYS B 61 21.51 4.02 -0.06
N LEU B 62 21.38 2.76 -0.48
CA LEU B 62 21.74 2.43 -1.82
C LEU B 62 20.82 3.16 -2.75
N ALA B 63 19.55 3.23 -2.39
CA ALA B 63 18.55 3.89 -3.26
C ALA B 63 18.71 5.39 -3.38
N PHE B 64 19.07 6.05 -2.28
CA PHE B 64 19.37 7.45 -2.31
C PHE B 64 20.59 7.72 -3.20
N ASP B 65 21.63 6.88 -3.09
CA ASP B 65 22.84 6.96 -3.95
C ASP B 65 22.47 6.84 -5.41
N ARG B 66 21.59 5.93 -5.68
CA ARG B 66 21.17 5.67 -7.01
C ARG B 66 20.53 6.93 -7.54
N GLN B 67 19.70 7.51 -6.74
CA GLN B 67 19.01 8.76 -7.11
C GLN B 67 19.92 9.94 -7.36
N VAL B 68 20.89 10.15 -6.47
CA VAL B 68 21.86 11.20 -6.72
C VAL B 68 22.66 10.97 -8.03
N ALA B 69 23.02 9.72 -8.36
CA ALA B 69 23.76 9.45 -9.57
C ALA B 69 22.92 9.80 -10.81
N GLU B 70 21.63 9.47 -10.80
CA GLU B 70 20.72 9.77 -11.90
C GLU B 70 20.34 11.27 -12.10
N LEU B 71 20.21 12.02 -11.01
CA LEU B 71 19.85 13.42 -11.10
C LEU B 71 21.02 14.40 -11.20
N HIS B 72 22.21 13.88 -10.99
CA HIS B 72 23.43 14.68 -10.95
C HIS B 72 23.47 15.90 -11.89
N THR B 73 23.46 15.65 -13.18
CA THR B 73 23.57 16.73 -14.15
C THR B 73 22.30 17.41 -14.60
N ILE B 74 21.16 16.79 -14.33
CA ILE B 74 19.90 17.27 -14.91
C ILE B 74 19.40 18.63 -14.40
N ALA B 75 19.39 19.66 -15.25
CA ALA B 75 18.99 21.01 -14.79
C ALA B 75 17.50 21.28 -14.89
N ASP B 76 16.91 20.83 -15.99
CA ASP B 76 15.51 21.00 -16.30
C ASP B 76 14.61 20.22 -15.32
N ALA B 77 13.83 20.95 -14.54
CA ALA B 77 12.90 20.34 -13.55
C ALA B 77 11.95 19.33 -14.13
N ARG B 78 11.37 19.54 -15.32
CA ARG B 78 10.47 18.55 -15.88
C ARG B 78 11.25 17.22 -16.06
N GLU B 79 12.42 17.28 -16.69
CA GLU B 79 13.25 16.06 -16.85
C GLU B 79 13.64 15.49 -15.47
N ARG B 80 14.05 16.33 -14.50
CA ARG B 80 14.39 15.77 -13.19
C ARG B 80 13.19 14.98 -12.63
N LEU B 81 11.98 15.56 -12.73
CA LEU B 81 10.83 14.91 -12.16
C LEU B 81 10.47 13.63 -12.81
N VAL B 82 10.55 13.58 -14.12
CA VAL B 82 10.22 12.35 -14.86
C VAL B 82 11.22 11.32 -14.47
N ARG B 83 12.51 11.70 -14.40
CA ARG B 83 13.54 10.71 -13.91
C ARG B 83 13.29 10.20 -12.50
N LEU B 84 12.89 11.09 -11.56
CA LEU B 84 12.57 10.68 -10.21
C LEU B 84 11.49 9.70 -10.18
N VAL B 85 10.46 9.97 -11.00
CA VAL B 85 9.36 9.04 -11.10
C VAL B 85 9.76 7.68 -11.71
N GLU B 86 10.56 7.70 -12.78
CA GLU B 86 11.10 6.48 -13.42
C GLU B 86 11.87 5.60 -12.43
N LEU B 87 12.64 6.20 -11.52
CA LEU B 87 13.35 5.46 -10.46
C LEU B 87 12.40 4.73 -9.48
N GLN B 88 11.13 5.09 -9.42
CA GLN B 88 10.20 4.42 -8.50
C GLN B 88 9.46 3.30 -9.16
N LEU B 89 9.70 3.06 -10.44
CA LEU B 89 8.98 1.97 -11.10
C LEU B 89 9.49 0.61 -10.64
N PRO B 90 8.57 -0.35 -10.37
CA PRO B 90 8.93 -1.67 -9.97
C PRO B 90 9.35 -2.56 -11.12
N THR B 91 10.39 -2.11 -11.81
CA THR B 91 10.97 -2.91 -12.91
C THR B 91 11.49 -4.27 -12.41
N PRO B 92 11.43 -5.28 -13.27
CA PRO B 92 11.91 -6.61 -12.93
C PRO B 92 13.32 -6.63 -12.32
N GLY B 93 13.51 -7.48 -11.33
CA GLY B 93 14.78 -7.67 -10.67
C GLY B 93 14.94 -6.78 -9.41
N LEU B 94 16.01 -5.96 -9.32
CA LEU B 94 16.28 -5.14 -8.08
C LEU B 94 15.07 -4.29 -7.59
N LEU B 95 14.50 -3.49 -8.50
CA LEU B 95 13.40 -2.55 -8.15
C LEU B 95 12.12 -3.28 -7.70
N ARG B 96 11.78 -4.36 -8.34
CA ARG B 96 10.63 -5.10 -7.91
C ARG B 96 10.83 -5.72 -6.54
N ASP B 97 12.02 -6.22 -6.30
CA ASP B 97 12.38 -6.73 -4.99
C ASP B 97 12.33 -5.64 -3.92
N GLU B 98 12.82 -4.44 -4.25
CA GLU B 98 12.70 -3.35 -3.30
C GLU B 98 11.23 -3.06 -2.91
N TRP B 99 10.34 -2.99 -3.91
CA TRP B 99 8.92 -2.77 -3.66
C TRP B 99 8.32 -3.84 -2.75
N SER B 100 8.70 -5.05 -3.00
CA SER B 100 8.24 -6.14 -2.15
C SER B 100 8.59 -5.93 -0.68
N VAL B 101 9.80 -5.49 -0.40
CA VAL B 101 10.16 -5.23 0.97
C VAL B 101 9.36 -4.02 1.49
N TRP B 102 9.26 -2.94 0.72
CA TRP B 102 8.50 -1.74 1.13
C TRP B 102 7.08 -2.05 1.54
N LEU B 103 6.40 -2.85 0.74
CA LEU B 103 5.10 -3.31 1.08
C LEU B 103 5.01 -3.95 2.46
N GLN B 104 6.00 -4.72 2.83
CA GLN B 104 6.05 -5.38 4.14
C GLN B 104 6.35 -4.31 5.24
N VAL B 105 7.14 -3.33 4.87
CA VAL B 105 7.52 -2.32 5.79
C VAL B 105 6.31 -1.46 6.15
N TRP B 106 5.45 -1.17 5.21
CA TRP B 106 4.24 -0.41 5.56
C TRP B 106 3.45 -1.09 6.64
N THR B 107 3.30 -2.43 6.56
CA THR B 107 2.63 -3.13 7.59
C THR B 107 3.33 -3.22 8.88
N GLU B 108 4.62 -3.59 8.85
CA GLU B 108 5.39 -3.73 10.09
C GLU B 108 5.53 -2.38 10.83
N SER B 109 5.41 -1.26 10.09
CA SER B 109 5.45 0.17 10.62
C SER B 109 4.36 0.44 11.65
N THR B 110 3.18 -0.05 11.33
CA THR B 110 1.99 0.02 12.18
C THR B 110 2.06 -0.81 13.44
N LEU B 111 3.21 -1.44 13.69
CA LEU B 111 3.42 -2.31 14.87
C LEU B 111 4.80 -2.15 15.57
N ASN B 112 5.84 -1.74 14.84
CA ASN B 112 7.24 -1.69 15.33
C ASN B 112 7.77 -0.23 15.22
N PRO B 113 8.24 0.41 16.34
CA PRO B 113 8.68 1.81 16.25
C PRO B 113 9.97 2.11 15.55
N LYS B 114 10.99 1.24 15.68
CA LYS B 114 12.26 1.51 15.03
C LYS B 114 12.05 1.45 13.50
N ILE B 115 11.21 0.53 13.05
CA ILE B 115 10.92 0.41 11.65
C ILE B 115 10.06 1.60 11.21
N ARG B 116 9.08 1.99 11.98
CA ARG B 116 8.24 3.15 11.61
C ARG B 116 9.08 4.41 11.47
N ASP B 117 10.06 4.56 12.36
CA ASP B 117 11.00 5.72 12.41
C ASP B 117 11.87 5.74 11.18
N LEU B 118 12.41 4.58 10.81
CA LEU B 118 13.23 4.42 9.65
C LEU B 118 12.40 4.76 8.40
N TYR B 119 11.18 4.24 8.33
CA TYR B 119 10.33 4.46 7.13
C TYR B 119 9.96 5.92 6.99
N ASN B 120 9.56 6.55 8.07
CA ASN B 120 9.20 7.97 8.04
C ASN B 120 10.39 8.85 7.67
N ASP B 121 11.59 8.62 8.21
CA ASP B 121 12.77 9.45 7.79
C ASP B 121 13.07 9.23 6.28
N ALA B 122 12.90 8.02 5.84
CA ALA B 122 13.16 7.74 4.44
C ALA B 122 12.14 8.38 3.54
N TYR B 123 10.87 8.23 3.90
CA TYR B 123 9.77 8.76 3.10
C TYR B 123 9.85 10.27 3.10
N ASP B 124 10.17 10.87 4.26
CA ASP B 124 10.23 12.32 4.33
C ASP B 124 11.31 12.78 3.38
N ARG B 125 12.48 12.12 3.36
CA ARG B 125 13.55 12.61 2.42
C ARG B 125 13.11 12.65 0.99
N TRP B 126 12.50 11.56 0.57
CA TRP B 126 11.95 11.40 -0.77
C TRP B 126 10.85 12.41 -1.10
N TYR B 127 9.91 12.56 -0.19
CA TYR B 127 8.81 13.50 -0.29
C TYR B 127 9.37 14.98 -0.44
N GLN B 128 10.32 15.39 0.37
CA GLN B 128 10.90 16.69 0.24
C GLN B 128 11.61 16.86 -1.10
N THR B 129 12.29 15.81 -1.60
CA THR B 129 12.85 15.86 -2.87
C THR B 129 11.81 16.19 -3.92
N ILE B 130 10.66 15.50 -3.91
CA ILE B 130 9.65 15.72 -4.90
C ILE B 130 9.16 17.17 -4.76
N ALA B 131 8.93 17.61 -3.52
CA ALA B 131 8.48 18.96 -3.30
C ALA B 131 9.38 20.00 -3.85
N MSE B 132 10.65 19.85 -3.51
CA MSE B 132 11.73 20.74 -4.01
C MSE B 132 11.80 20.84 -5.50
O MSE B 132 11.87 21.95 -6.06
CB MSE B 132 13.10 20.23 -3.44
CG MSE B 132 14.29 20.50 -4.40
SE MSE B 132 15.93 20.29 -3.26
CE MSE B 132 16.55 18.70 -4.28
N THR B 133 11.78 19.69 -6.16
CA THR B 133 11.73 19.65 -7.60
C THR B 133 10.53 20.37 -8.23
N ILE B 134 9.38 20.23 -7.61
CA ILE B 134 8.17 20.93 -8.09
C ILE B 134 8.40 22.41 -8.01
N ARG B 135 8.95 22.87 -6.90
CA ARG B 135 9.15 24.28 -6.67
C ARG B 135 10.16 24.83 -7.66
N THR B 136 11.12 24.02 -7.99
CA THR B 136 12.11 24.37 -8.98
C THR B 136 11.49 24.65 -10.34
N GLY B 137 10.68 23.73 -10.81
CA GLY B 137 9.97 23.87 -12.08
C GLY B 137 9.04 25.07 -12.05
N GLN B 138 8.45 25.36 -10.89
CA GLN B 138 7.56 26.53 -10.72
C GLN B 138 8.32 27.83 -10.91
N LYS B 139 9.55 27.89 -10.37
CA LYS B 139 10.46 29.03 -10.48
C LYS B 139 10.99 29.18 -11.91
N GLN B 140 11.33 28.06 -12.57
CA GLN B 140 11.81 28.06 -13.96
C GLN B 140 10.68 28.40 -14.93
N GLY B 141 9.42 28.34 -14.44
CA GLY B 141 8.24 28.65 -15.25
C GLY B 141 7.58 27.50 -16.02
N VAL B 142 8.04 26.25 -15.84
CA VAL B 142 7.49 25.07 -16.57
C VAL B 142 6.35 24.34 -15.88
N PHE B 143 6.26 24.52 -14.58
CA PHE B 143 5.22 23.92 -13.82
C PHE B 143 4.14 24.94 -13.31
N ARG B 144 2.88 24.52 -13.25
CA ARG B 144 1.74 25.35 -12.79
C ARG B 144 1.98 25.80 -11.36
N ASP B 145 1.67 27.05 -11.01
CA ASP B 145 1.95 27.47 -9.60
C ASP B 145 0.84 27.00 -8.60
N GLN B 146 0.83 25.70 -8.28
CA GLN B 146 -0.12 25.08 -7.37
C GLN B 146 0.71 24.62 -6.13
N ASP B 147 0.13 24.59 -4.92
CA ASP B 147 0.89 24.34 -3.71
C ASP B 147 1.72 23.06 -3.89
N ALA B 148 3.03 23.23 -3.83
CA ALA B 148 3.91 22.03 -4.05
C ALA B 148 3.77 20.89 -3.04
N ASP B 149 3.53 21.21 -1.74
CA ASP B 149 3.30 20.17 -0.72
C ASP B 149 2.13 19.33 -1.06
N GLU B 150 0.99 19.95 -1.46
CA GLU B 150 -0.18 19.12 -1.82
C GLU B 150 0.09 18.33 -3.10
N LEU B 151 0.73 18.93 -4.11
CA LEU B 151 1.09 18.15 -5.37
C LEU B 151 2.00 17.00 -5.03
N ALA B 152 3.03 17.23 -4.21
CA ALA B 152 3.93 16.11 -3.90
C ALA B 152 3.19 15.02 -3.12
N THR B 153 2.29 15.43 -2.24
CA THR B 153 1.47 14.46 -1.48
C THR B 153 0.67 13.65 -2.49
N ARG B 154 0.07 14.33 -3.47
CA ARG B 154 -0.71 13.65 -4.49
C ARG B 154 0.12 12.65 -5.35
N LEU B 155 1.25 13.12 -5.88
CA LEU B 155 2.10 12.29 -6.70
C LEU B 155 2.70 11.14 -5.91
N SER B 156 3.13 11.40 -4.69
CA SER B 156 3.66 10.28 -3.90
C SER B 156 2.61 9.20 -3.63
N ALA B 157 1.45 9.65 -3.23
CA ALA B 157 0.35 8.69 -3.03
C ALA B 157 -0.01 7.91 -4.30
N LEU B 158 -0.06 8.62 -5.45
CA LEU B 158 -0.36 7.98 -6.70
C LEU B 158 0.66 6.90 -7.08
N ILE B 159 1.92 7.19 -6.81
CA ILE B 159 3.01 6.26 -7.08
C ILE B 159 2.79 4.99 -6.27
N ASP B 160 2.59 5.12 -4.96
CA ASP B 160 2.37 3.96 -4.07
C ASP B 160 1.18 3.13 -4.50
N GLY B 161 0.09 3.84 -4.80
CA GLY B 161 -1.11 3.14 -5.19
C GLY B 161 -0.97 2.35 -6.47
N LEU B 162 -0.41 2.96 -7.50
CA LEU B 162 -0.13 2.25 -8.74
C LEU B 162 0.84 1.08 -8.61
N GLY B 163 1.85 1.22 -7.75
CA GLY B 163 2.78 0.13 -7.50
C GLY B 163 2.11 -1.10 -6.93
N ILE B 164 1.16 -0.81 -6.07
CA ILE B 164 0.38 -1.87 -5.51
C ILE B 164 -0.42 -2.61 -6.58
N GLN B 165 -1.06 -1.84 -7.43
CA GLN B 165 -1.86 -2.42 -8.55
C GLN B 165 -0.94 -3.34 -9.41
N VAL B 166 0.28 -2.90 -9.69
CA VAL B 166 1.28 -3.70 -10.40
C VAL B 166 1.62 -4.97 -9.67
N LEU B 167 2.03 -4.83 -8.40
CA LEU B 167 2.49 -5.98 -7.63
C LEU B 167 1.45 -6.99 -7.30
N THR B 168 0.23 -6.55 -7.15
CA THR B 168 -0.91 -7.45 -6.87
C THR B 168 -1.63 -8.01 -8.11
N GLY B 169 -1.19 -7.60 -9.29
CA GLY B 169 -1.78 -8.22 -10.46
C GLY B 169 -3.07 -7.66 -10.98
N LYS B 170 -3.34 -6.37 -10.79
CA LYS B 170 -4.59 -5.80 -11.35
C LYS B 170 -4.63 -6.05 -12.84
N ARG B 171 -5.82 -6.35 -13.32
CA ARG B 171 -5.95 -6.70 -14.74
C ARG B 171 -5.64 -5.49 -15.57
N GLY B 172 -4.73 -5.66 -16.53
CA GLY B 172 -4.36 -4.56 -17.45
C GLY B 172 -3.25 -3.69 -16.91
N CYS B 173 -2.78 -4.01 -15.71
CA CYS B 173 -1.78 -3.20 -15.09
C CYS B 173 -0.42 -3.82 -15.49
N SER B 174 0.60 -2.97 -15.67
CA SER B 174 1.98 -3.37 -16.01
C SER B 174 2.85 -2.17 -15.64
N VAL B 175 4.14 -2.43 -15.53
CA VAL B 175 5.06 -1.39 -15.29
C VAL B 175 4.94 -0.28 -16.33
N ASP B 176 4.72 -0.62 -17.61
CA ASP B 176 4.61 0.48 -18.62
C ASP B 176 3.36 1.29 -18.50
N HIS B 177 2.26 0.63 -18.16
CA HIS B 177 1.01 1.35 -17.91
C HIS B 177 1.08 2.32 -16.72
N MSE B 178 1.78 1.88 -15.66
CA MSE B 178 2.03 2.73 -14.51
C MSE B 178 2.86 3.91 -14.94
O MSE B 178 2.57 5.08 -14.58
CB MSE B 178 2.70 1.84 -13.44
CG MSE B 178 3.22 2.74 -12.31
SE MSE B 178 3.95 1.66 -10.86
CE MSE B 178 4.72 3.09 -9.67
N ARG B 179 3.85 3.70 -15.81
CA ARG B 179 4.70 4.81 -16.26
C ARG B 179 3.93 5.85 -17.02
N GLN B 180 3.04 5.36 -17.90
CA GLN B 180 2.27 6.25 -18.69
C GLN B 180 1.30 7.05 -17.86
N HIS B 181 0.63 6.38 -16.91
CA HIS B 181 -0.26 7.04 -16.05
C HIS B 181 0.44 8.21 -15.31
N LEU B 182 1.58 7.92 -14.69
CA LEU B 182 2.36 8.94 -14.01
C LEU B 182 2.85 10.11 -14.93
N ASN B 183 3.46 9.78 -16.07
CA ASN B 183 3.80 10.78 -17.02
C ASN B 183 2.59 11.66 -17.43
N ASP B 184 1.41 11.03 -17.63
CA ASP B 184 0.23 11.78 -17.97
C ASP B 184 -0.14 12.69 -16.83
N PHE B 185 -0.02 12.20 -15.58
CA PHE B 185 -0.28 13.04 -14.43
C PHE B 185 0.65 14.27 -14.45
N ILE B 186 1.94 14.04 -14.63
CA ILE B 186 2.94 15.14 -14.69
C ILE B 186 2.59 16.13 -15.85
N GLU B 187 2.42 15.57 -17.03
CA GLU B 187 2.10 16.38 -18.25
C GLU B 187 0.76 17.17 -18.21
N HIS B 188 -0.28 16.57 -17.63
CA HIS B 188 -1.58 17.21 -17.60
C HIS B 188 -1.95 17.85 -16.31
N ASN B 189 -1.17 17.64 -15.22
CA ASN B 189 -1.52 18.20 -13.91
C ASN B 189 -0.47 19.03 -13.30
N ILE B 190 0.75 18.76 -13.67
CA ILE B 190 1.86 19.54 -13.14
C ILE B 190 2.40 20.56 -14.10
N VAL B 191 2.73 20.14 -15.31
CA VAL B 191 3.17 21.05 -16.31
C VAL B 191 2.13 22.15 -16.64
N GLU B 192 2.63 23.35 -16.80
CA GLU B 192 1.83 24.55 -17.12
C GLU B 192 1.29 24.48 -18.58
N ARG B 193 -0.03 24.58 -18.80
CA ARG B 193 -0.54 24.47 -20.18
C ARG B 193 0.19 25.41 -21.16
C1 BME C . -2.84 12.15 3.86
C2 BME C . -1.84 13.10 3.28
O1 BME C . -3.23 12.67 5.09
S2 BME C . -0.76 13.64 4.62
C1 EDO D . -8.71 -7.56 20.47
O1 EDO D . -9.58 -8.81 20.60
C2 EDO D . -7.57 -7.62 19.44
O2 EDO D . -6.14 -7.47 19.81
C4 CHT E . -9.81 -1.96 -1.32
C5 CHT E . -10.26 -1.33 0.00
C6 CHT E . -7.98 -0.65 0.67
C7 CHT E . -9.88 -0.08 1.99
C8 CHT E . -9.49 0.96 -0.22
O6 CHT E . -10.50 -3.21 -1.43
N1 CHT E . -9.40 -0.27 0.59
C1 BME F . -1.21 0.57 -14.09
C2 BME F . -2.55 0.84 -13.40
O1 BME F . -0.28 0.04 -13.15
S2 BME F . -3.83 -0.22 -14.10
C4 CHT G . 9.46 3.40 -0.49
C5 CHT G . 9.33 4.21 -1.78
C6 CHT G . 7.68 2.43 -2.52
C7 CHT G . 9.73 2.69 -3.67
C8 CHT G . 8.01 4.48 -3.73
O6 CHT G . 10.50 3.91 0.39
N1 CHT G . 8.69 3.45 -2.89
#